data_2QU5
#
_entry.id   2QU5
#
_cell.length_a   66.852
_cell.length_b   143.828
_cell.length_c   58.483
_cell.angle_alpha   90.00
_cell.angle_beta   90.00
_cell.angle_gamma   90.00
#
_symmetry.space_group_name_H-M   'P 21 21 2'
#
loop_
_entity.id
_entity.type
_entity.pdbx_description
1 polymer 'Vascular endothelial growth factor receptor 2'
2 non-polymer 4-[[2-[[4-chloro-3-(trifluoromethyl)phenyl]amino]-3H-benzimidazol-5-yl]oxy]-N-methyl-pyridine-2-carboxamide
3 water water
#
_entity_poly.entity_id   1
_entity_poly.type   'polypeptide(L)'
_entity_poly.pdbx_seq_one_letter_code
;EHAERLPYDASKWEFPRDRLKLGKPLGRGAFGQVIEADAFGIDKTATCRTVAVKMLKEGATHSEHRALMSELKILIHIGH
HLNVVNLLGACTKPGGPLMVITEFCKFGNLSTYLRSKRNEFVPYKVAPEDLYKDFLTLEHLICYSFQVAKGMEFLASRKC
IHRDLAARNILLSEKNVVKICDFGLARDI(PTR)KDPD(PTR)VRKGDARLPLKWMAPETIFDRVYTIQSDVWSFGVLLW
EIFSLGASPYPGVKIDEEFCRRLKEGTRMRAPDYTTPEMYQTMLDCWHGEPSQRPTFSELVEHLGNLLQANAQQDRHHHH
HH
;
_entity_poly.pdbx_strand_id   A
#
loop_
_chem_comp.id
_chem_comp.type
_chem_comp.name
_chem_comp.formula
276 non-polymer 4-[[2-[[4-chloro-3-(trifluoromethyl)phenyl]amino]-3H-benzimidazol-5-yl]oxy]-N-methyl-pyridine-2-carboxamide 'C21 H15 Cl F3 N5 O2'
#
# COMPACT_ATOMS: atom_id res chain seq x y z
N HIS A 2 -3.26 -17.21 -16.45
CA HIS A 2 -2.88 -15.88 -15.90
C HIS A 2 -1.88 -16.03 -14.74
N ALA A 3 -2.31 -15.73 -13.53
CA ALA A 3 -1.48 -15.81 -12.33
C ALA A 3 -1.10 -17.24 -11.97
N GLU A 4 -2.08 -18.14 -11.99
CA GLU A 4 -1.84 -19.54 -11.67
C GLU A 4 -0.67 -20.11 -12.46
N ARG A 5 -0.49 -19.58 -13.67
CA ARG A 5 0.56 -20.01 -14.57
C ARG A 5 1.95 -19.43 -14.30
N LEU A 6 2.14 -18.82 -13.13
CA LEU A 6 3.43 -18.26 -12.79
C LEU A 6 4.30 -19.25 -12.01
N PRO A 7 5.62 -19.27 -12.30
CA PRO A 7 6.65 -20.14 -11.70
C PRO A 7 7.07 -19.95 -10.24
N TYR A 8 6.91 -21.00 -9.43
CA TYR A 8 7.34 -20.93 -8.03
C TYR A 8 8.58 -21.81 -7.80
N ASP A 9 9.75 -21.17 -7.87
CA ASP A 9 11.04 -21.83 -7.68
C ASP A 9 11.28 -22.12 -6.18
N ALA A 10 10.60 -23.13 -5.65
CA ALA A 10 10.74 -23.48 -4.23
C ALA A 10 12.16 -23.64 -3.70
N SER A 11 13.11 -23.96 -4.58
CA SER A 11 14.48 -24.14 -4.15
C SER A 11 15.10 -22.82 -3.67
N LYS A 12 14.52 -21.69 -4.09
CA LYS A 12 15.05 -20.40 -3.68
C LYS A 12 14.20 -19.64 -2.66
N TRP A 13 12.93 -20.00 -2.53
CA TRP A 13 12.06 -19.29 -1.60
C TRP A 13 11.50 -20.13 -0.47
N GLU A 14 11.53 -21.45 -0.62
CA GLU A 14 11.00 -22.32 0.43
C GLU A 14 11.80 -22.15 1.71
N PHE A 15 11.08 -22.05 2.82
CA PHE A 15 11.71 -21.87 4.12
C PHE A 15 11.06 -22.84 5.10
N PRO A 16 11.88 -23.42 6.00
CA PRO A 16 11.49 -24.38 7.05
C PRO A 16 10.51 -23.83 8.07
N ARG A 17 9.31 -24.41 8.13
CA ARG A 17 8.30 -23.96 9.08
C ARG A 17 8.81 -24.03 10.51
N ASP A 18 9.76 -24.94 10.75
CA ASP A 18 10.31 -25.13 12.09
C ASP A 18 11.32 -24.04 12.47
N ARG A 19 11.53 -23.08 11.57
CA ARG A 19 12.44 -21.97 11.86
C ARG A 19 11.66 -20.67 11.97
N LEU A 20 10.39 -20.79 12.36
CA LEU A 20 9.51 -19.63 12.52
C LEU A 20 8.75 -19.72 13.84
N LYS A 21 8.95 -18.73 14.71
CA LYS A 21 8.22 -18.71 15.97
C LYS A 21 7.13 -17.65 15.82
N LEU A 22 5.93 -18.09 15.46
CA LEU A 22 4.81 -17.18 15.25
C LEU A 22 4.47 -16.35 16.48
N GLY A 23 4.18 -15.06 16.26
CA GLY A 23 3.87 -14.16 17.36
C GLY A 23 2.50 -13.53 17.30
N LYS A 24 2.40 -12.28 17.73
CA LYS A 24 1.13 -11.56 17.75
C LYS A 24 0.56 -11.24 16.37
N PRO A 25 -0.78 -11.35 16.22
CA PRO A 25 -1.45 -11.07 14.95
C PRO A 25 -1.22 -9.61 14.53
N LEU A 26 -1.02 -9.38 13.24
CA LEU A 26 -0.80 -8.03 12.72
C LEU A 26 -2.03 -7.59 11.94
N GLY A 27 -2.93 -8.53 11.67
CA GLY A 27 -4.14 -8.23 10.93
C GLY A 27 -4.87 -9.50 10.60
N ARG A 28 -6.21 -9.43 10.58
CA ARG A 28 -7.03 -10.59 10.27
C ARG A 28 -7.67 -10.44 8.90
N GLY A 29 -8.32 -11.50 8.44
CA GLY A 29 -8.98 -11.49 7.15
C GLY A 29 -9.70 -12.81 6.97
N ALA A 30 -10.69 -12.84 6.08
CA ALA A 30 -11.43 -14.09 5.84
C ALA A 30 -10.45 -15.17 5.34
N PHE A 31 -9.53 -14.75 4.48
CA PHE A 31 -8.53 -15.65 3.92
C PHE A 31 -7.72 -16.32 5.02
N GLY A 32 -7.45 -15.55 6.09
CA GLY A 32 -6.67 -16.08 7.20
C GLY A 32 -6.06 -14.99 8.06
N GLN A 33 -4.74 -14.87 8.04
CA GLN A 33 -4.08 -13.88 8.87
C GLN A 33 -2.71 -13.38 8.44
N VAL A 34 -2.28 -12.33 9.14
CA VAL A 34 -0.97 -11.74 8.94
C VAL A 34 -0.44 -11.70 10.36
N ILE A 35 0.61 -12.48 10.60
CA ILE A 35 1.19 -12.57 11.94
C ILE A 35 2.63 -12.11 11.95
N GLU A 36 3.07 -11.63 13.11
CA GLU A 36 4.45 -11.20 13.27
C GLU A 36 5.17 -12.51 13.65
N ALA A 37 6.48 -12.59 13.41
CA ALA A 37 7.17 -13.82 13.76
C ALA A 37 8.69 -13.67 13.78
N ASP A 38 9.37 -14.78 14.08
CA ASP A 38 10.83 -14.78 14.12
C ASP A 38 11.36 -15.84 13.17
N ALA A 39 12.28 -15.43 12.30
CA ALA A 39 12.86 -16.33 11.32
C ALA A 39 14.33 -16.59 11.62
N PHE A 40 14.65 -17.85 11.93
CA PHE A 40 16.03 -18.20 12.22
C PHE A 40 16.83 -18.37 10.93
N GLY A 41 17.64 -17.37 10.64
CA GLY A 41 18.48 -17.40 9.45
C GLY A 41 17.75 -17.42 8.13
N ILE A 42 16.78 -16.53 7.95
CA ILE A 42 16.03 -16.47 6.70
C ILE A 42 16.89 -15.73 5.67
N ASP A 43 17.64 -14.74 6.13
CA ASP A 43 18.54 -14.01 5.25
C ASP A 43 19.94 -14.34 5.77
N LYS A 44 20.94 -13.60 5.32
CA LYS A 44 22.32 -13.86 5.76
C LYS A 44 22.87 -12.81 6.71
N THR A 45 22.52 -11.54 6.46
CA THR A 45 22.99 -10.46 7.32
C THR A 45 22.17 -10.39 8.62
N ALA A 46 22.20 -11.49 9.37
CA ALA A 46 21.49 -11.62 10.64
C ALA A 46 21.36 -13.10 10.98
N THR A 47 21.17 -13.39 12.26
CA THR A 47 21.01 -14.77 12.72
C THR A 47 19.52 -15.02 12.96
N CYS A 48 18.90 -14.09 13.67
CA CYS A 48 17.48 -14.18 13.98
C CYS A 48 16.82 -12.87 13.53
N ARG A 49 15.82 -12.98 12.65
CA ARG A 49 15.14 -11.81 12.12
C ARG A 49 13.63 -11.76 12.33
N THR A 50 13.12 -10.56 12.59
CA THR A 50 11.68 -10.35 12.79
C THR A 50 11.05 -10.27 11.39
N VAL A 51 10.03 -11.08 11.16
CA VAL A 51 9.38 -11.08 9.86
C VAL A 51 7.87 -11.03 9.99
N ALA A 52 7.22 -10.70 8.88
CA ALA A 52 5.76 -10.65 8.83
C ALA A 52 5.34 -11.83 7.98
N VAL A 53 4.30 -12.53 8.42
CA VAL A 53 3.82 -13.71 7.72
C VAL A 53 2.33 -13.68 7.46
N LYS A 54 1.96 -13.88 6.20
CA LYS A 54 0.55 -13.94 5.85
C LYS A 54 0.25 -15.41 5.64
N MET A 55 -0.83 -15.89 6.25
CA MET A 55 -1.19 -17.29 6.13
C MET A 55 -2.68 -17.56 6.12
N LEU A 56 -3.06 -18.65 5.47
CA LEU A 56 -4.47 -19.03 5.37
C LEU A 56 -4.93 -19.74 6.62
N LYS A 57 -6.24 -19.93 6.71
CA LYS A 57 -6.86 -20.64 7.82
C LYS A 57 -6.67 -22.13 7.55
N GLU A 58 -6.38 -22.93 8.59
CA GLU A 58 -6.16 -24.37 8.38
C GLU A 58 -7.29 -25.03 7.58
N GLY A 59 -8.45 -24.40 7.58
CA GLY A 59 -9.59 -24.92 6.83
C GLY A 59 -9.94 -23.93 5.74
N ALA A 60 -8.92 -23.44 5.04
CA ALA A 60 -9.14 -22.48 3.97
C ALA A 60 -9.51 -23.16 2.67
N THR A 61 -10.33 -22.47 1.87
CA THR A 61 -10.81 -22.98 0.59
C THR A 61 -9.72 -23.30 -0.41
N HIS A 62 -10.06 -24.15 -1.36
CA HIS A 62 -9.14 -24.58 -2.40
C HIS A 62 -8.90 -23.42 -3.36
N SER A 63 -9.75 -22.40 -3.24
CA SER A 63 -9.65 -21.22 -4.08
C SER A 63 -8.63 -20.22 -3.55
N GLU A 64 -8.77 -19.85 -2.28
CA GLU A 64 -7.85 -18.88 -1.67
C GLU A 64 -6.44 -19.40 -1.77
N HIS A 65 -6.28 -20.70 -1.55
CA HIS A 65 -4.98 -21.33 -1.61
C HIS A 65 -4.23 -20.90 -2.87
N ARG A 66 -4.99 -20.64 -3.94
CA ARG A 66 -4.41 -20.21 -5.21
C ARG A 66 -4.16 -18.70 -5.17
N ALA A 67 -5.10 -17.97 -4.59
CA ALA A 67 -4.97 -16.53 -4.48
C ALA A 67 -3.64 -16.21 -3.81
N LEU A 68 -3.39 -16.88 -2.69
CA LEU A 68 -2.15 -16.68 -1.93
C LEU A 68 -0.92 -17.15 -2.69
N MET A 69 -1.09 -18.16 -3.53
CA MET A 69 0.03 -18.68 -4.32
C MET A 69 0.31 -17.73 -5.46
N SER A 70 -0.72 -17.01 -5.91
CA SER A 70 -0.56 -16.07 -7.00
C SER A 70 0.22 -14.86 -6.51
N GLU A 71 -0.13 -14.41 -5.31
CA GLU A 71 0.54 -13.28 -4.68
C GLU A 71 2.02 -13.60 -4.54
N LEU A 72 2.32 -14.82 -4.12
CA LEU A 72 3.70 -15.25 -3.95
C LEU A 72 4.41 -15.24 -5.30
N LYS A 73 3.74 -15.77 -6.32
CA LYS A 73 4.30 -15.81 -7.65
C LYS A 73 4.48 -14.40 -8.21
N ILE A 74 3.46 -13.57 -8.07
CA ILE A 74 3.53 -12.19 -8.56
C ILE A 74 4.65 -11.40 -7.87
N LEU A 75 4.74 -11.52 -6.54
CA LEU A 75 5.77 -10.82 -5.78
C LEU A 75 7.14 -11.24 -6.28
N ILE A 76 7.26 -12.51 -6.66
CA ILE A 76 8.50 -13.04 -7.19
C ILE A 76 8.72 -12.44 -8.57
N HIS A 77 7.69 -12.49 -9.41
CA HIS A 77 7.77 -11.95 -10.75
C HIS A 77 8.18 -10.48 -10.76
N ILE A 78 7.53 -9.68 -9.91
CA ILE A 78 7.82 -8.26 -9.81
C ILE A 78 9.28 -8.03 -9.52
N GLY A 79 9.80 -8.79 -8.57
CA GLY A 79 11.19 -8.63 -8.22
C GLY A 79 11.30 -7.60 -7.12
N HIS A 80 12.54 -7.25 -6.77
CA HIS A 80 12.80 -6.31 -5.71
C HIS A 80 12.76 -4.85 -6.11
N HIS A 81 12.19 -4.03 -5.23
CA HIS A 81 12.15 -2.58 -5.42
C HIS A 81 12.12 -2.00 -4.01
N LEU A 82 12.66 -0.80 -3.85
CA LEU A 82 12.74 -0.19 -2.55
C LEU A 82 11.39 0.13 -1.93
N ASN A 83 10.40 0.44 -2.75
CA ASN A 83 9.11 0.79 -2.20
C ASN A 83 8.05 -0.28 -2.31
N VAL A 84 8.50 -1.52 -2.35
CA VAL A 84 7.60 -2.65 -2.38
C VAL A 84 8.09 -3.53 -1.25
N VAL A 85 7.20 -3.85 -0.31
CA VAL A 85 7.57 -4.67 0.83
C VAL A 85 8.37 -5.89 0.31
N ASN A 86 9.55 -6.10 0.87
CA ASN A 86 10.45 -7.18 0.46
C ASN A 86 9.98 -8.59 0.78
N LEU A 87 9.91 -9.42 -0.25
CA LEU A 87 9.53 -10.82 -0.07
C LEU A 87 10.78 -11.57 0.39
N LEU A 88 10.66 -12.31 1.49
CA LEU A 88 11.80 -13.04 2.01
C LEU A 88 11.70 -14.54 1.78
N GLY A 89 10.48 -15.08 1.82
CA GLY A 89 10.32 -16.50 1.59
C GLY A 89 8.88 -16.94 1.73
N ALA A 90 8.66 -18.25 1.69
CA ALA A 90 7.34 -18.81 1.80
C ALA A 90 7.40 -20.27 2.24
N CYS A 91 6.22 -20.84 2.51
CA CYS A 91 6.13 -22.24 2.93
C CYS A 91 5.03 -22.92 2.15
N THR A 92 5.40 -23.58 1.05
CA THR A 92 4.42 -24.26 0.21
C THR A 92 4.26 -25.75 0.51
N LYS A 93 5.36 -26.42 0.84
CA LYS A 93 5.35 -27.86 1.15
C LYS A 93 4.19 -28.26 2.06
N PRO A 94 3.74 -29.53 1.96
CA PRO A 94 2.63 -30.00 2.79
C PRO A 94 3.07 -30.10 4.26
N GLY A 95 2.09 -30.15 5.16
CA GLY A 95 2.39 -30.22 6.57
C GLY A 95 1.72 -29.08 7.32
N GLY A 96 2.25 -27.87 7.13
CA GLY A 96 1.70 -26.69 7.77
C GLY A 96 0.91 -25.86 6.76
N PRO A 97 0.16 -24.84 7.22
CA PRO A 97 -0.62 -23.99 6.31
C PRO A 97 0.27 -23.28 5.31
N LEU A 98 -0.34 -22.70 4.27
CA LEU A 98 0.43 -21.98 3.25
C LEU A 98 0.86 -20.66 3.85
N MET A 99 2.12 -20.28 3.66
CA MET A 99 2.63 -19.04 4.24
C MET A 99 3.61 -18.24 3.36
N VAL A 100 3.41 -16.92 3.32
CA VAL A 100 4.30 -16.03 2.58
C VAL A 100 4.99 -15.20 3.65
N ILE A 101 6.31 -15.03 3.53
CA ILE A 101 7.08 -14.29 4.52
C ILE A 101 7.78 -13.06 3.96
N THR A 102 7.46 -11.90 4.53
CA THR A 102 8.06 -10.65 4.10
C THR A 102 8.81 -10.00 5.24
N GLU A 103 9.55 -8.95 4.91
CA GLU A 103 10.30 -8.20 5.91
C GLU A 103 9.27 -7.57 6.82
N PHE A 104 9.70 -7.16 8.00
CA PHE A 104 8.79 -6.53 8.95
C PHE A 104 8.98 -5.03 8.87
N CYS A 105 7.89 -4.28 8.85
CA CYS A 105 8.01 -2.83 8.81
C CYS A 105 7.55 -2.29 10.14
N LYS A 106 8.54 -1.84 10.91
CA LYS A 106 8.39 -1.33 12.27
C LYS A 106 7.20 -0.45 12.60
N PHE A 107 6.99 0.60 11.84
CA PHE A 107 5.91 1.52 12.14
C PHE A 107 4.54 1.22 11.57
N GLY A 108 4.39 0.06 10.93
CA GLY A 108 3.10 -0.33 10.39
C GLY A 108 2.47 0.51 9.29
N ASN A 109 1.17 0.31 9.09
CA ASN A 109 0.45 1.02 8.04
C ASN A 109 0.48 2.53 8.21
N LEU A 110 0.61 3.21 7.08
CA LEU A 110 0.68 4.65 7.05
C LEU A 110 -0.54 5.38 7.57
N SER A 111 -1.73 4.82 7.36
CA SER A 111 -2.93 5.51 7.84
C SER A 111 -2.94 5.66 9.34
N THR A 112 -2.63 4.58 10.04
CA THR A 112 -2.60 4.63 11.50
C THR A 112 -1.54 5.63 11.94
N TYR A 113 -0.33 5.45 11.41
CA TYR A 113 0.81 6.31 11.72
C TYR A 113 0.50 7.78 11.52
N LEU A 114 0.03 8.13 10.33
CA LEU A 114 -0.27 9.54 10.08
C LEU A 114 -1.27 10.07 11.09
N ARG A 115 -2.30 9.28 11.40
CA ARG A 115 -3.30 9.75 12.36
C ARG A 115 -2.70 10.12 13.72
N SER A 116 -1.65 9.40 14.12
CA SER A 116 -1.02 9.65 15.41
C SER A 116 -0.08 10.86 15.44
N LYS A 117 0.06 11.56 14.32
CA LYS A 117 0.96 12.71 14.27
C LYS A 117 0.22 14.00 14.02
N ARG A 118 -1.11 13.94 14.07
CA ARG A 118 -1.96 15.11 13.83
C ARG A 118 -1.52 16.32 14.64
N ASN A 119 -1.17 16.09 15.89
CA ASN A 119 -0.75 17.17 16.79
C ASN A 119 0.75 17.29 16.86
N GLU A 120 1.40 16.82 15.81
CA GLU A 120 2.84 16.87 15.70
C GLU A 120 3.14 17.10 14.22
N PHE A 121 2.57 18.16 13.68
CA PHE A 121 2.78 18.48 12.28
C PHE A 121 2.76 19.98 12.03
N VAL A 122 3.78 20.43 11.29
CA VAL A 122 3.92 21.82 10.89
C VAL A 122 4.30 21.78 9.42
N PRO A 123 3.75 22.69 8.60
CA PRO A 123 4.10 22.66 7.18
C PRO A 123 5.61 22.76 6.98
N TYR A 124 6.23 23.72 7.64
CA TYR A 124 7.66 23.90 7.52
C TYR A 124 8.29 24.08 8.89
N LYS A 125 9.44 23.45 9.10
CA LYS A 125 10.15 23.59 10.37
C LYS A 125 10.87 24.95 10.41
N VAL A 126 11.06 25.48 11.61
CA VAL A 126 11.74 26.77 11.79
C VAL A 126 12.61 26.70 13.05
N ALA A 127 13.63 27.55 13.12
CA ALA A 127 14.50 27.60 14.29
C ALA A 127 13.58 28.11 15.42
N PRO A 128 13.80 27.66 16.66
CA PRO A 128 14.81 26.72 17.18
C PRO A 128 15.18 25.54 16.28
N GLU A 129 14.16 24.85 15.78
CA GLU A 129 14.32 23.68 14.89
C GLU A 129 14.36 22.38 15.69
N ASP A 130 14.60 22.49 16.99
CA ASP A 130 14.65 21.31 17.84
C ASP A 130 13.27 21.10 18.45
N LEU A 131 12.47 22.16 18.43
CA LEU A 131 11.11 22.09 18.98
C LEU A 131 10.25 21.31 18.00
N TYR A 132 10.85 20.94 16.87
CA TYR A 132 10.15 20.21 15.82
C TYR A 132 10.73 18.84 15.53
N LYS A 133 11.83 18.51 16.21
CA LYS A 133 12.43 17.21 16.00
C LYS A 133 11.32 16.17 16.10
N ASP A 134 11.24 15.31 15.11
CA ASP A 134 10.23 14.26 15.08
C ASP A 134 8.81 14.72 14.76
N PHE A 135 8.72 15.77 13.95
CA PHE A 135 7.44 16.31 13.52
C PHE A 135 7.35 15.93 12.05
N LEU A 136 6.14 15.91 11.51
CA LEU A 136 5.96 15.61 10.10
C LEU A 136 5.82 16.96 9.42
N THR A 137 6.26 17.06 8.17
CA THR A 137 6.16 18.30 7.42
C THR A 137 5.70 18.01 6.01
N LEU A 138 5.35 19.05 5.25
CA LEU A 138 4.91 18.89 3.86
C LEU A 138 5.94 18.09 3.07
N GLU A 139 7.20 18.22 3.45
CA GLU A 139 8.24 17.50 2.77
C GLU A 139 8.03 16.00 2.99
N HIS A 140 7.72 15.61 4.22
CA HIS A 140 7.48 14.21 4.54
C HIS A 140 6.31 13.69 3.74
N LEU A 141 5.22 14.44 3.73
CA LEU A 141 4.03 14.01 3.02
C LEU A 141 4.24 13.95 1.53
N ILE A 142 4.92 14.93 0.96
CA ILE A 142 5.16 14.91 -0.47
C ILE A 142 6.10 13.74 -0.77
N CYS A 143 7.03 13.49 0.13
CA CYS A 143 7.97 12.41 -0.08
C CYS A 143 7.28 11.04 -0.06
N TYR A 144 6.37 10.83 0.90
CA TYR A 144 5.66 9.55 0.97
C TYR A 144 4.88 9.30 -0.32
N SER A 145 4.27 10.35 -0.84
CA SER A 145 3.50 10.23 -2.08
C SER A 145 4.44 9.95 -3.24
N PHE A 146 5.59 10.61 -3.23
CA PHE A 146 6.58 10.44 -4.27
C PHE A 146 6.99 8.97 -4.32
N GLN A 147 7.38 8.44 -3.15
CA GLN A 147 7.80 7.04 -3.06
C GLN A 147 6.72 6.06 -3.51
N VAL A 148 5.48 6.27 -3.09
CA VAL A 148 4.44 5.34 -3.50
C VAL A 148 4.30 5.41 -5.01
N ALA A 149 4.30 6.61 -5.58
CA ALA A 149 4.18 6.74 -7.01
C ALA A 149 5.33 6.01 -7.70
N LYS A 150 6.50 6.02 -7.08
CA LYS A 150 7.65 5.34 -7.65
C LYS A 150 7.47 3.84 -7.62
N GLY A 151 6.86 3.34 -6.55
CA GLY A 151 6.64 1.91 -6.46
C GLY A 151 5.58 1.47 -7.43
N MET A 152 4.60 2.33 -7.68
CA MET A 152 3.54 1.97 -8.60
C MET A 152 4.09 2.01 -10.01
N GLU A 153 4.96 2.98 -10.31
CA GLU A 153 5.56 3.05 -11.62
C GLU A 153 6.27 1.71 -11.85
N PHE A 154 6.96 1.23 -10.83
CA PHE A 154 7.68 -0.04 -10.93
C PHE A 154 6.71 -1.20 -11.19
N LEU A 155 5.57 -1.20 -10.51
CA LEU A 155 4.59 -2.27 -10.70
C LEU A 155 4.07 -2.23 -12.11
N ALA A 156 3.90 -1.01 -12.63
CA ALA A 156 3.42 -0.81 -13.98
C ALA A 156 4.48 -1.39 -14.88
N SER A 157 5.73 -1.00 -14.64
CA SER A 157 6.88 -1.49 -15.39
C SER A 157 6.92 -3.01 -15.53
N ARG A 158 6.67 -3.74 -14.44
CA ARG A 158 6.68 -5.19 -14.51
C ARG A 158 5.28 -5.69 -14.82
N LYS A 159 4.49 -4.80 -15.40
CA LYS A 159 3.12 -5.10 -15.78
C LYS A 159 2.22 -5.76 -14.75
N CYS A 160 2.10 -5.14 -13.57
CA CYS A 160 1.23 -5.65 -12.49
C CYS A 160 0.34 -4.53 -11.99
N ILE A 161 -0.77 -4.90 -11.36
CA ILE A 161 -1.66 -3.92 -10.78
C ILE A 161 -1.83 -4.34 -9.33
N HIS A 162 -2.02 -3.37 -8.43
CA HIS A 162 -2.17 -3.68 -7.03
C HIS A 162 -3.59 -4.14 -6.71
N ARG A 163 -4.57 -3.34 -7.11
CA ARG A 163 -6.00 -3.62 -6.92
C ARG A 163 -6.63 -3.01 -5.68
N ASP A 164 -5.84 -2.75 -4.64
CA ASP A 164 -6.41 -2.13 -3.46
C ASP A 164 -5.43 -1.18 -2.80
N LEU A 165 -4.93 -0.26 -3.61
CA LEU A 165 -3.96 0.72 -3.16
C LEU A 165 -4.61 1.72 -2.20
N ALA A 166 -4.14 1.72 -0.95
CA ALA A 166 -4.68 2.63 0.06
C ALA A 166 -3.66 2.81 1.18
N ALA A 167 -3.82 3.87 1.96
CA ALA A 167 -2.91 4.15 3.07
C ALA A 167 -2.72 2.94 3.97
N ARG A 168 -3.81 2.23 4.26
CA ARG A 168 -3.73 1.05 5.12
C ARG A 168 -2.86 -0.05 4.49
N ASN A 169 -2.59 0.07 3.19
CA ASN A 169 -1.73 -0.90 2.51
C ASN A 169 -0.38 -0.30 2.16
N ILE A 170 0.02 0.73 2.91
CA ILE A 170 1.33 1.35 2.72
C ILE A 170 1.99 1.21 4.10
N LEU A 171 3.24 0.79 4.13
CA LEU A 171 3.93 0.60 5.40
C LEU A 171 5.07 1.58 5.57
N LEU A 172 5.22 2.12 6.79
CA LEU A 172 6.31 3.04 7.09
C LEU A 172 7.45 2.24 7.71
N SER A 173 8.61 2.26 7.05
CA SER A 173 9.78 1.54 7.53
C SER A 173 10.73 2.56 8.15
N GLU A 174 11.96 2.15 8.43
CA GLU A 174 12.91 3.08 9.02
C GLU A 174 13.46 4.08 8.01
N LYS A 175 13.66 5.31 8.48
CA LYS A 175 14.18 6.41 7.69
C LYS A 175 13.20 6.90 6.64
N ASN A 176 11.98 7.17 7.08
CA ASN A 176 10.92 7.67 6.22
C ASN A 176 10.80 7.01 4.86
N VAL A 177 11.03 5.71 4.81
CA VAL A 177 10.90 4.98 3.56
C VAL A 177 9.60 4.21 3.60
N VAL A 178 8.73 4.47 2.63
CA VAL A 178 7.46 3.77 2.61
C VAL A 178 7.49 2.60 1.65
N LYS A 179 6.67 1.61 1.95
CA LYS A 179 6.60 0.40 1.14
C LYS A 179 5.16 -0.02 0.87
N ILE A 180 4.88 -0.31 -0.40
CA ILE A 180 3.55 -0.76 -0.82
C ILE A 180 3.38 -2.22 -0.38
N CYS A 181 2.20 -2.55 0.14
CA CYS A 181 1.93 -3.92 0.55
C CYS A 181 0.44 -4.24 0.38
N ASP A 182 0.04 -5.40 0.86
CA ASP A 182 -1.37 -5.80 0.79
C ASP A 182 -1.70 -6.71 1.95
N PHE A 183 -2.48 -6.19 2.90
CA PHE A 183 -2.89 -6.96 4.07
C PHE A 183 -4.02 -7.89 3.71
N GLY A 184 -4.66 -7.63 2.58
CA GLY A 184 -5.76 -8.45 2.15
C GLY A 184 -5.30 -9.45 1.13
N LEU A 185 -6.26 -10.08 0.45
CA LEU A 185 -5.93 -11.06 -0.56
C LEU A 185 -6.63 -10.70 -1.87
N ALA A 186 -6.03 -9.79 -2.62
CA ALA A 186 -6.58 -9.32 -3.90
C ALA A 186 -6.44 -10.36 -5.03
N ASP A 200 -16.55 -6.34 3.39
CA ASP A 200 -15.25 -6.08 4.01
C ASP A 200 -15.27 -4.80 4.84
N ALA A 201 -14.97 -4.93 6.13
CA ALA A 201 -14.96 -3.82 7.08
C ALA A 201 -14.00 -2.67 6.69
N ARG A 202 -13.17 -2.94 5.68
CA ARG A 202 -12.22 -1.95 5.21
C ARG A 202 -12.85 -1.07 4.13
N LEU A 203 -14.15 -1.25 3.89
CA LEU A 203 -14.90 -0.47 2.90
C LEU A 203 -14.14 -0.13 1.61
N PRO A 204 -13.61 -1.15 0.91
CA PRO A 204 -12.85 -0.98 -0.33
C PRO A 204 -13.46 -0.16 -1.48
N LEU A 205 -14.78 -0.02 -1.52
CA LEU A 205 -15.41 0.76 -2.58
C LEU A 205 -14.92 2.21 -2.58
N LYS A 206 -14.47 2.69 -1.43
CA LYS A 206 -14.00 4.06 -1.32
C LYS A 206 -12.72 4.31 -2.13
N TRP A 207 -12.03 3.24 -2.48
CA TRP A 207 -10.79 3.33 -3.24
C TRP A 207 -10.92 2.88 -4.70
N MET A 208 -12.15 2.58 -5.14
CA MET A 208 -12.38 2.10 -6.49
C MET A 208 -12.76 3.16 -7.51
N ALA A 209 -12.28 2.97 -8.74
CA ALA A 209 -12.60 3.88 -9.83
C ALA A 209 -13.94 3.40 -10.41
N PRO A 210 -14.76 4.33 -10.91
CA PRO A 210 -16.06 4.01 -11.48
C PRO A 210 -16.05 2.82 -12.43
N GLU A 211 -15.09 2.77 -13.35
CA GLU A 211 -15.03 1.66 -14.28
C GLU A 211 -14.92 0.33 -13.52
N THR A 212 -14.36 0.38 -12.32
CA THR A 212 -14.19 -0.82 -11.51
C THR A 212 -15.47 -1.16 -10.76
N ILE A 213 -16.09 -0.15 -10.16
CA ILE A 213 -17.30 -0.38 -9.41
C ILE A 213 -18.38 -0.93 -10.33
N PHE A 214 -18.75 -0.16 -11.35
CA PHE A 214 -19.79 -0.57 -12.28
C PHE A 214 -19.47 -1.75 -13.19
N ASP A 215 -18.32 -1.75 -13.84
CA ASP A 215 -18.00 -2.82 -14.77
C ASP A 215 -16.93 -3.81 -14.32
N ARG A 216 -16.61 -3.79 -13.03
CA ARG A 216 -15.60 -4.69 -12.48
C ARG A 216 -14.40 -4.88 -13.41
N VAL A 217 -13.76 -3.77 -13.80
CA VAL A 217 -12.61 -3.80 -14.69
C VAL A 217 -11.40 -3.18 -13.98
N TYR A 218 -10.34 -3.96 -13.74
CA TYR A 218 -9.14 -3.46 -13.07
C TYR A 218 -7.95 -3.25 -14.00
N THR A 219 -7.50 -2.01 -14.13
CA THR A 219 -6.36 -1.67 -14.97
C THR A 219 -5.37 -0.82 -14.20
N ILE A 220 -4.20 -0.61 -14.77
CA ILE A 220 -3.20 0.22 -14.10
C ILE A 220 -3.74 1.64 -13.89
N GLN A 221 -4.66 2.07 -14.75
CA GLN A 221 -5.22 3.40 -14.62
C GLN A 221 -6.23 3.54 -13.50
N SER A 222 -6.87 2.43 -13.12
CA SER A 222 -7.84 2.49 -12.03
C SER A 222 -7.05 2.54 -10.73
N ASP A 223 -5.80 2.09 -10.79
CA ASP A 223 -4.90 2.12 -9.64
C ASP A 223 -4.50 3.57 -9.44
N VAL A 224 -4.51 4.33 -10.52
CA VAL A 224 -4.16 5.74 -10.48
C VAL A 224 -5.28 6.48 -9.75
N TRP A 225 -6.52 6.01 -9.93
CA TRP A 225 -7.65 6.62 -9.25
C TRP A 225 -7.44 6.37 -7.77
N SER A 226 -7.15 5.12 -7.43
CA SER A 226 -6.89 4.75 -6.03
C SER A 226 -5.78 5.62 -5.47
N PHE A 227 -4.73 5.82 -6.27
CA PHE A 227 -3.60 6.63 -5.82
C PHE A 227 -4.10 8.03 -5.46
N GLY A 228 -5.17 8.48 -6.09
CA GLY A 228 -5.70 9.78 -5.78
C GLY A 228 -6.33 9.79 -4.39
N VAL A 229 -7.03 8.72 -4.04
CA VAL A 229 -7.64 8.65 -2.72
C VAL A 229 -6.54 8.57 -1.65
N LEU A 230 -5.46 7.86 -1.97
CA LEU A 230 -4.33 7.74 -1.06
C LEU A 230 -3.69 9.10 -0.78
N LEU A 231 -3.62 9.95 -1.79
CA LEU A 231 -3.04 11.28 -1.63
C LEU A 231 -3.90 12.07 -0.66
N TRP A 232 -5.21 11.94 -0.82
CA TRP A 232 -6.17 12.63 0.02
C TRP A 232 -6.01 12.10 1.45
N GLU A 233 -5.67 10.82 1.55
CA GLU A 233 -5.48 10.19 2.85
C GLU A 233 -4.23 10.74 3.53
N ILE A 234 -3.16 10.85 2.76
CA ILE A 234 -1.92 11.36 3.27
C ILE A 234 -2.05 12.82 3.73
N PHE A 235 -2.71 13.65 2.94
CA PHE A 235 -2.86 15.06 3.28
C PHE A 235 -4.06 15.42 4.14
N SER A 236 -4.65 14.41 4.75
CA SER A 236 -5.76 14.60 5.66
C SER A 236 -5.20 14.02 6.94
N LEU A 237 -3.92 13.71 6.88
CA LEU A 237 -3.20 13.12 7.98
C LEU A 237 -3.91 11.88 8.49
N GLY A 238 -4.17 10.95 7.57
CA GLY A 238 -4.79 9.69 7.93
C GLY A 238 -6.29 9.62 8.07
N ALA A 239 -6.98 10.70 7.71
CA ALA A 239 -8.43 10.74 7.79
C ALA A 239 -9.02 9.60 6.97
N SER A 240 -10.33 9.43 7.06
CA SER A 240 -11.06 8.38 6.36
C SER A 240 -11.77 8.93 5.10
N PRO A 241 -11.46 8.37 3.92
CA PRO A 241 -12.06 8.79 2.65
C PRO A 241 -13.57 8.96 2.69
N TYR A 242 -14.08 10.03 2.07
CA TYR A 242 -15.50 10.36 2.05
C TYR A 242 -16.03 10.32 3.48
N PRO A 243 -15.52 11.21 4.34
CA PRO A 243 -15.88 11.33 5.76
C PRO A 243 -17.35 11.53 6.02
N GLY A 244 -17.92 10.60 6.79
CA GLY A 244 -19.32 10.68 7.14
C GLY A 244 -20.26 10.17 6.07
N VAL A 245 -19.81 10.15 4.82
CA VAL A 245 -20.67 9.69 3.73
C VAL A 245 -20.98 8.20 3.71
N LYS A 246 -22.24 7.90 3.42
CA LYS A 246 -22.71 6.53 3.39
C LYS A 246 -22.43 5.91 2.01
N ILE A 247 -21.61 4.86 2.00
CA ILE A 247 -21.24 4.20 0.76
C ILE A 247 -22.36 3.30 0.24
N ASP A 248 -23.35 3.91 -0.39
CA ASP A 248 -24.50 3.16 -0.91
C ASP A 248 -24.73 3.35 -2.41
N GLU A 249 -25.97 3.10 -2.83
CA GLU A 249 -26.36 3.23 -4.22
C GLU A 249 -26.12 4.66 -4.68
N GLU A 250 -26.54 5.64 -3.88
CA GLU A 250 -26.35 7.03 -4.25
C GLU A 250 -24.88 7.45 -4.35
N PHE A 251 -24.01 6.83 -3.57
CA PHE A 251 -22.60 7.17 -3.62
C PHE A 251 -22.06 6.81 -5.00
N CYS A 252 -22.33 5.58 -5.43
CA CYS A 252 -21.87 5.11 -6.74
C CYS A 252 -22.41 6.03 -7.84
N ARG A 253 -23.65 6.49 -7.66
CA ARG A 253 -24.29 7.36 -8.64
C ARG A 253 -23.58 8.71 -8.69
N ARG A 254 -23.63 9.46 -7.58
CA ARG A 254 -22.98 10.77 -7.51
C ARG A 254 -21.57 10.72 -8.10
N LEU A 255 -20.84 9.68 -7.74
CA LEU A 255 -19.47 9.49 -8.20
C LEU A 255 -19.38 9.51 -9.71
N LYS A 256 -20.23 8.71 -10.36
CA LYS A 256 -20.23 8.65 -11.82
C LYS A 256 -20.72 9.97 -12.41
N GLU A 257 -21.46 10.73 -11.61
CA GLU A 257 -21.96 12.02 -12.06
C GLU A 257 -20.82 13.03 -12.05
N GLY A 258 -19.77 12.72 -11.30
CA GLY A 258 -18.62 13.62 -11.25
C GLY A 258 -18.30 14.26 -9.91
N THR A 259 -18.89 13.78 -8.82
CA THR A 259 -18.61 14.34 -7.49
C THR A 259 -17.28 13.82 -6.95
N ARG A 260 -16.54 14.69 -6.25
CA ARG A 260 -15.25 14.33 -5.66
C ARG A 260 -15.14 14.90 -4.26
N MET A 261 -14.13 14.50 -3.49
CA MET A 261 -13.97 15.03 -2.13
C MET A 261 -13.37 16.41 -2.18
N ARG A 262 -13.65 17.21 -1.15
CA ARG A 262 -13.09 18.54 -1.07
C ARG A 262 -11.64 18.40 -0.64
N ALA A 263 -10.87 19.47 -0.77
CA ALA A 263 -9.48 19.42 -0.38
C ALA A 263 -9.32 19.02 1.08
N PRO A 264 -8.34 18.15 1.37
CA PRO A 264 -8.10 17.71 2.75
C PRO A 264 -7.47 18.87 3.51
N ASP A 265 -7.41 18.75 4.83
CA ASP A 265 -6.87 19.79 5.70
C ASP A 265 -5.44 20.24 5.56
N TYR A 266 -4.55 19.41 5.03
CA TYR A 266 -3.15 19.81 4.93
C TYR A 266 -2.57 19.81 3.52
N THR A 267 -3.43 19.70 2.52
CA THR A 267 -2.93 19.66 1.15
C THR A 267 -2.42 21.01 0.71
N THR A 268 -1.92 21.05 -0.53
CA THR A 268 -1.43 22.27 -1.14
C THR A 268 -2.27 22.39 -2.41
N PRO A 269 -2.40 23.61 -2.95
CA PRO A 269 -3.20 23.79 -4.16
C PRO A 269 -2.83 22.78 -5.24
N GLU A 270 -1.54 22.58 -5.45
CA GLU A 270 -1.08 21.66 -6.48
C GLU A 270 -1.42 20.20 -6.18
N MET A 271 -1.20 19.77 -4.95
CA MET A 271 -1.48 18.38 -4.59
C MET A 271 -2.97 18.08 -4.77
N TYR A 272 -3.82 19.02 -4.37
CA TYR A 272 -5.25 18.79 -4.49
C TYR A 272 -5.64 18.70 -5.96
N GLN A 273 -4.96 19.47 -6.80
CA GLN A 273 -5.26 19.43 -8.22
C GLN A 273 -4.87 18.07 -8.76
N THR A 274 -3.76 17.53 -8.25
CA THR A 274 -3.28 16.23 -8.67
C THR A 274 -4.29 15.14 -8.29
N MET A 275 -4.92 15.30 -7.12
CA MET A 275 -5.92 14.32 -6.71
C MET A 275 -7.02 14.35 -7.77
N LEU A 276 -7.47 15.54 -8.11
CA LEU A 276 -8.50 15.71 -9.12
C LEU A 276 -8.06 15.11 -10.44
N ASP A 277 -6.81 15.36 -10.82
CA ASP A 277 -6.27 14.80 -12.07
C ASP A 277 -6.45 13.28 -12.07
N CYS A 278 -6.20 12.67 -10.92
CA CYS A 278 -6.32 11.24 -10.77
C CYS A 278 -7.76 10.75 -10.78
N TRP A 279 -8.69 11.65 -10.46
CA TRP A 279 -10.10 11.25 -10.41
C TRP A 279 -10.89 11.58 -11.66
N HIS A 280 -10.19 11.77 -12.76
CA HIS A 280 -10.87 12.05 -14.01
C HIS A 280 -11.82 10.88 -14.27
N GLY A 281 -12.98 11.18 -14.84
CA GLY A 281 -13.93 10.11 -15.13
C GLY A 281 -13.42 9.17 -16.21
N GLU A 282 -12.55 9.70 -17.06
CA GLU A 282 -11.98 8.91 -18.16
C GLU A 282 -10.63 8.30 -17.75
N PRO A 283 -10.56 6.97 -17.70
CA PRO A 283 -9.30 6.31 -17.33
C PRO A 283 -8.10 6.88 -18.10
N SER A 284 -8.21 6.94 -19.41
CA SER A 284 -7.12 7.43 -20.24
C SER A 284 -6.80 8.92 -20.03
N GLN A 285 -7.65 9.65 -19.30
CA GLN A 285 -7.38 11.06 -19.05
C GLN A 285 -6.65 11.27 -17.73
N ARG A 286 -6.49 10.17 -16.98
CA ARG A 286 -5.81 10.25 -15.71
C ARG A 286 -4.33 10.21 -16.00
N PRO A 287 -3.52 10.85 -15.15
CA PRO A 287 -2.09 10.80 -15.42
C PRO A 287 -1.62 9.35 -15.33
N THR A 288 -0.35 9.13 -15.64
CA THR A 288 0.22 7.79 -15.56
C THR A 288 1.22 7.87 -14.42
N PHE A 289 1.50 6.74 -13.78
CA PHE A 289 2.43 6.76 -12.67
C PHE A 289 3.78 7.40 -13.02
N SER A 290 4.23 7.24 -14.27
CA SER A 290 5.49 7.89 -14.65
C SER A 290 5.30 9.39 -14.55
N GLU A 291 4.23 9.90 -15.15
CA GLU A 291 3.98 11.32 -15.09
C GLU A 291 3.84 11.73 -13.62
N LEU A 292 3.12 10.92 -12.83
CA LEU A 292 2.94 11.24 -11.41
C LEU A 292 4.29 11.31 -10.69
N VAL A 293 5.15 10.33 -10.96
CA VAL A 293 6.48 10.31 -10.36
C VAL A 293 7.25 11.58 -10.75
N GLU A 294 7.05 12.05 -11.98
CA GLU A 294 7.74 13.25 -12.43
C GLU A 294 7.16 14.50 -11.81
N HIS A 295 5.84 14.60 -11.82
CA HIS A 295 5.16 15.76 -11.27
C HIS A 295 5.40 15.87 -9.76
N LEU A 296 5.28 14.75 -9.05
CA LEU A 296 5.48 14.74 -7.61
C LEU A 296 6.91 15.13 -7.26
N GLY A 297 7.86 14.59 -8.03
CA GLY A 297 9.26 14.90 -7.80
C GLY A 297 9.45 16.40 -7.87
N ASN A 298 8.82 17.02 -8.86
CA ASN A 298 8.91 18.47 -9.03
C ASN A 298 8.40 19.16 -7.78
N LEU A 299 7.22 18.73 -7.31
CA LEU A 299 6.63 19.33 -6.12
C LEU A 299 7.55 19.18 -4.93
N LEU A 300 8.20 18.02 -4.81
CA LEU A 300 9.10 17.79 -3.71
C LEU A 300 10.21 18.82 -3.74
N GLN A 301 10.85 18.92 -4.90
CA GLN A 301 11.95 19.85 -5.11
C GLN A 301 11.54 21.31 -5.05
N ALA A 302 10.29 21.59 -5.40
CA ALA A 302 9.78 22.96 -5.38
C ALA A 302 9.47 23.38 -3.95
N ASN A 303 9.15 22.38 -3.13
CA ASN A 303 8.79 22.58 -1.73
C ASN A 303 9.97 23.01 -0.89
N ALA A 304 11.12 22.38 -1.12
CA ALA A 304 12.33 22.68 -0.38
C ALA A 304 12.61 24.18 -0.41
N GLN A 305 12.59 24.74 -1.61
CA GLN A 305 12.84 26.16 -1.79
C GLN A 305 11.95 26.93 -0.81
N GLN A 306 10.63 26.76 -0.96
CA GLN A 306 9.68 27.43 -0.09
C GLN A 306 8.26 26.96 -0.39
C1 276 B . 4.60 -6.57 6.52
C2 276 B . 5.39 -5.63 7.20
N3 276 B . 4.99 -5.02 8.34
C4 276 B . 3.77 -5.32 8.87
C5 276 B . 2.92 -6.24 8.26
C6 276 B . 3.33 -6.88 7.07
C10 276 B . 3.29 -4.68 10.11
O11 276 B . 2.11 -4.70 10.50
N12 276 B . 4.28 -4.05 10.81
C13 276 B . 3.99 -3.36 12.06
O17 276 B . 2.38 -7.78 6.59
C18 276 B . 2.39 -8.35 5.32
C19 276 B . 2.07 -7.60 4.15
C20 276 B . 2.05 -8.24 2.93
C21 276 B . 2.34 -9.64 2.83
C22 276 B . 2.64 -10.37 3.96
C23 276 B . 2.68 -9.72 5.21
N27 276 B . 1.76 -7.79 1.65
C28 276 B . 1.88 -8.85 0.85
N29 276 B . 2.22 -9.97 1.51
N32 276 B . 1.66 -8.84 -0.61
C33 276 B . 1.98 -7.88 -1.51
C34 276 B . 1.38 -8.00 -2.76
C35 276 B . 1.60 -7.09 -3.82
C36 276 B . 2.52 -6.01 -3.55
C37 276 B . 3.15 -5.86 -2.29
C38 276 B . 2.87 -6.80 -1.27
C43 276 B . 0.91 -7.31 -5.15
CL44 276 B . 2.93 -4.79 -4.73
F45 276 B . 1.84 -7.68 -6.00
F46 276 B . 0.33 -6.20 -5.55
F47 276 B . -0.04 -8.26 -5.04
#